data_7YUN
#
_entry.id   7YUN
#
_cell.length_a   39.482
_cell.length_b   67.276
_cell.length_c   53.019
_cell.angle_alpha   90.00
_cell.angle_beta   100.72
_cell.angle_gamma   90.00
#
_symmetry.space_group_name_H-M   'P 1 21 1'
#
loop_
_entity.id
_entity.type
_entity.pdbx_description
1 polymer 'BEN domain-containing protein 6'
2 polymer "DNA (5'-D(*CP*TP*CP*TP*CP*GP*(5CM)P*GP*AP*GP*AP*G)-3')"
3 water water
#
loop_
_entity_poly.entity_id
_entity_poly.type
_entity_poly.pdbx_seq_one_letter_code
_entity_poly.pdbx_strand_id
1 'polypeptide(L)'
;GDEKQFQIEKWQIARCNKSKPQKFINDLMQVLYTNEYMATHSLTGAKSSTSRDKAVKPAMNQNEVQEIIGVTKQLFPNTD
DVSIRRMIGQKLNNCTKKPNLSK
;
A,B
2 'polydeoxyribonucleotide' (DC)(DT)(DC)(DT)(DC)(DG)(5CM)(DG)(DA)(DG)(DA)(DG) C,D
#
loop_
_chem_comp.id
_chem_comp.type
_chem_comp.name
_chem_comp.formula
5CM DNA linking 5-METHYL-2'-DEOXY-CYTIDINE-5'-MONOPHOSPHATE 'C10 H16 N3 O7 P'
DA DNA linking 2'-DEOXYADENOSINE-5'-MONOPHOSPHATE 'C10 H14 N5 O6 P'
DC DNA linking 2'-DEOXYCYTIDINE-5'-MONOPHOSPHATE 'C9 H14 N3 O7 P'
DG DNA linking 2'-DEOXYGUANOSINE-5'-MONOPHOSPHATE 'C10 H14 N5 O7 P'
DT DNA linking THYMIDINE-5'-MONOPHOSPHATE 'C10 H15 N2 O8 P'
#
# COMPACT_ATOMS: atom_id res chain seq x y z
N PHE A 6 -3.03 -27.32 1.86
CA PHE A 6 -2.95 -26.49 0.60
C PHE A 6 -1.51 -26.01 0.35
N GLN A 7 -0.98 -26.39 -0.80
CA GLN A 7 0.42 -26.08 -1.18
C GLN A 7 0.42 -25.61 -2.63
N ILE A 8 1.12 -24.54 -2.94
CA ILE A 8 1.19 -24.03 -4.33
C ILE A 8 2.30 -24.81 -5.04
N GLU A 9 2.00 -25.33 -6.23
CA GLU A 9 2.95 -26.22 -6.95
C GLU A 9 3.80 -25.33 -7.85
N LYS A 10 4.97 -25.80 -8.25
CA LYS A 10 5.87 -24.98 -9.11
C LYS A 10 5.24 -24.74 -10.48
N TRP A 11 4.39 -25.65 -10.96
CA TRP A 11 3.72 -25.46 -12.27
C TRP A 11 2.78 -24.24 -12.19
N GLN A 12 2.23 -23.90 -11.02
CA GLN A 12 1.38 -22.69 -10.89
C GLN A 12 2.27 -21.43 -10.90
N ILE A 13 3.31 -21.41 -10.08
CA ILE A 13 4.35 -20.34 -10.03
C ILE A 13 4.91 -20.10 -11.44
N ALA A 14 5.16 -21.18 -12.22
CA ALA A 14 5.79 -21.08 -13.56
C ALA A 14 4.91 -20.28 -14.53
N ARG A 15 3.60 -20.18 -14.31
CA ARG A 15 2.71 -19.44 -15.26
C ARG A 15 2.71 -17.94 -15.00
N CYS A 16 3.50 -17.43 -14.05
CA CYS A 16 3.31 -16.08 -13.48
C CYS A 16 4.49 -15.17 -13.86
N ASN A 17 4.17 -13.93 -14.22
CA ASN A 17 5.16 -12.81 -14.36
C ASN A 17 6.10 -12.77 -13.14
N LYS A 18 7.42 -12.76 -13.36
CA LYS A 18 8.48 -12.68 -12.33
C LYS A 18 9.03 -11.26 -12.21
N SER A 19 8.60 -10.29 -13.03
CA SER A 19 9.24 -8.95 -13.07
C SER A 19 8.90 -8.12 -11.83
N LYS A 20 7.63 -8.13 -11.38
CA LYS A 20 7.11 -7.26 -10.29
C LYS A 20 6.20 -8.08 -9.39
N PRO A 21 6.24 -7.90 -8.06
CA PRO A 21 5.43 -8.71 -7.17
C PRO A 21 3.94 -8.56 -7.53
N GLN A 22 3.44 -7.35 -7.83
CA GLN A 22 1.98 -7.18 -8.04
C GLN A 22 1.53 -7.98 -9.28
N LYS A 23 2.38 -8.02 -10.32
CA LYS A 23 2.08 -8.77 -11.56
C LYS A 23 2.12 -10.25 -11.22
N PHE A 24 3.13 -10.68 -10.47
CA PHE A 24 3.20 -12.09 -10.03
C PHE A 24 1.90 -12.44 -9.29
N ILE A 25 1.53 -11.65 -8.28
CA ILE A 25 0.32 -11.91 -7.44
C ILE A 25 -0.92 -11.98 -8.33
N ASN A 26 -1.08 -11.05 -9.26
CA ASN A 26 -2.24 -11.00 -10.21
C ASN A 26 -2.30 -12.29 -11.03
N ASP A 27 -1.18 -12.68 -11.64
CA ASP A 27 -1.07 -13.97 -12.37
C ASP A 27 -1.38 -15.14 -11.42
N LEU A 28 -0.67 -15.20 -10.28
CA LEU A 28 -0.79 -16.37 -9.35
C LEU A 28 -2.24 -16.55 -8.93
N MET A 29 -2.90 -15.46 -8.54
CA MET A 29 -4.26 -15.57 -8.01
C MET A 29 -5.25 -16.00 -9.12
N GLN A 30 -5.05 -15.54 -10.36
CA GLN A 30 -5.88 -15.96 -11.52
C GLN A 30 -5.62 -17.43 -11.81
N VAL A 31 -4.43 -17.99 -11.52
CA VAL A 31 -4.22 -19.45 -11.71
C VAL A 31 -5.02 -20.20 -10.64
N LEU A 32 -5.04 -19.70 -9.41
CA LEU A 32 -5.62 -20.44 -8.25
C LEU A 32 -7.15 -20.29 -8.16
N TYR A 33 -7.70 -19.12 -8.49
CA TYR A 33 -9.09 -18.76 -8.11
C TYR A 33 -9.90 -18.38 -9.36
N THR A 34 -11.21 -18.60 -9.33
CA THR A 34 -12.07 -18.05 -10.41
C THR A 34 -12.23 -16.54 -10.18
N ASN A 35 -12.51 -15.81 -11.25
CA ASN A 35 -12.78 -14.35 -11.18
C ASN A 35 -13.94 -14.13 -10.19
N GLU A 36 -14.95 -14.99 -10.18
CA GLU A 36 -16.18 -14.77 -9.36
C GLU A 36 -15.85 -14.96 -7.87
N TYR A 37 -14.97 -15.91 -7.57
CA TYR A 37 -14.50 -16.09 -6.19
C TYR A 37 -13.77 -14.83 -5.75
N MET A 38 -12.85 -14.33 -6.57
CA MET A 38 -12.03 -13.15 -6.21
C MET A 38 -12.90 -11.90 -6.17
N ALA A 39 -13.89 -11.81 -7.07
CA ALA A 39 -14.91 -10.73 -7.10
C ALA A 39 -15.63 -10.60 -5.75
N THR A 40 -15.78 -11.70 -5.01
CA THR A 40 -16.77 -11.80 -3.91
C THR A 40 -16.07 -12.06 -2.57
N HIS A 41 -14.74 -12.08 -2.55
CA HIS A 41 -13.95 -12.21 -1.29
C HIS A 41 -13.13 -10.94 -1.05
N SER A 42 -12.85 -10.67 0.21
CA SER A 42 -11.78 -9.75 0.64
C SER A 42 -10.68 -10.57 1.34
N LEU A 43 -9.53 -9.95 1.61
CA LEU A 43 -8.39 -10.66 2.22
C LEU A 43 -8.79 -11.23 3.59
N THR A 44 -9.48 -10.43 4.42
CA THR A 44 -9.71 -10.67 5.87
C THR A 44 -11.18 -10.76 6.22
N GLY A 45 -12.07 -10.41 5.30
CA GLY A 45 -13.52 -10.40 5.55
C GLY A 45 -13.95 -9.27 6.47
N ALA A 46 -13.12 -8.25 6.68
CA ALA A 46 -13.46 -7.14 7.60
C ALA A 46 -14.65 -6.36 7.03
N LYS A 47 -15.54 -5.95 7.92
CA LYS A 47 -16.67 -5.07 7.58
C LYS A 47 -16.08 -3.79 7.03
N SER A 48 -16.60 -3.32 5.91
CA SER A 48 -16.32 -2.00 5.34
C SER A 48 -16.44 -0.90 6.41
N SER A 49 -15.54 0.08 6.39
CA SER A 49 -15.63 1.34 7.18
C SER A 49 -16.74 2.22 6.64
N THR A 50 -17.14 2.01 5.38
CA THR A 50 -18.06 2.88 4.58
C THR A 50 -19.41 2.17 4.38
N SER A 51 -19.54 1.31 3.37
CA SER A 51 -20.81 0.64 3.01
C SER A 51 -21.20 -0.38 4.09
N ARG A 52 -22.10 -0.02 5.02
CA ARG A 52 -22.42 -0.88 6.19
C ARG A 52 -23.70 -1.69 5.96
N ASP A 53 -24.42 -1.48 4.86
CA ASP A 53 -25.74 -2.11 4.56
C ASP A 53 -25.56 -3.44 3.81
N LYS A 54 -24.77 -3.44 2.72
CA LYS A 54 -24.57 -4.59 1.81
C LYS A 54 -23.88 -5.73 2.57
N ALA A 55 -24.11 -6.98 2.17
CA ALA A 55 -23.51 -8.17 2.84
C ALA A 55 -21.98 -8.01 2.79
N VAL A 56 -21.30 -8.46 3.84
CA VAL A 56 -19.83 -8.31 3.97
C VAL A 56 -19.15 -9.41 3.14
N LYS A 57 -18.28 -9.05 2.21
CA LYS A 57 -17.48 -10.05 1.45
C LYS A 57 -16.72 -10.90 2.45
N PRO A 58 -16.85 -12.23 2.38
CA PRO A 58 -16.11 -13.10 3.30
C PRO A 58 -14.59 -13.08 3.07
N ALA A 59 -13.83 -13.55 4.07
CA ALA A 59 -12.34 -13.62 4.04
C ALA A 59 -11.88 -14.70 3.09
N MET A 60 -10.68 -14.53 2.55
CA MET A 60 -9.90 -15.62 1.94
C MET A 60 -9.52 -16.61 3.04
N ASN A 61 -9.18 -17.83 2.64
CA ASN A 61 -8.63 -18.87 3.55
C ASN A 61 -7.22 -18.44 3.96
N GLN A 62 -6.97 -18.24 5.25
CA GLN A 62 -5.71 -17.62 5.74
C GLN A 62 -4.53 -18.55 5.51
N ASN A 63 -4.72 -19.86 5.44
CA ASN A 63 -3.63 -20.79 5.04
C ASN A 63 -3.25 -20.49 3.60
N GLU A 64 -4.25 -20.35 2.74
CA GLU A 64 -3.95 -20.06 1.31
C GLU A 64 -3.23 -18.72 1.26
N VAL A 65 -3.65 -17.75 2.08
CA VAL A 65 -3.03 -16.40 2.07
C VAL A 65 -1.53 -16.55 2.37
N GLN A 66 -1.20 -17.30 3.41
CA GLN A 66 0.21 -17.43 3.89
C GLN A 66 1.02 -18.21 2.85
N GLU A 67 0.41 -19.14 2.13
CA GLU A 67 1.14 -19.92 1.10
C GLU A 67 1.43 -18.97 -0.07
N ILE A 68 0.50 -18.07 -0.38
CA ILE A 68 0.72 -17.08 -1.47
C ILE A 68 1.86 -16.15 -1.06
N ILE A 69 1.88 -15.69 0.20
CA ILE A 69 2.90 -14.73 0.70
C ILE A 69 4.26 -15.43 0.70
N GLY A 70 4.29 -16.69 1.16
CA GLY A 70 5.51 -17.52 1.17
C GLY A 70 6.10 -17.65 -0.22
N VAL A 71 5.30 -18.07 -1.19
CA VAL A 71 5.77 -18.27 -2.59
C VAL A 71 6.20 -16.91 -3.17
N THR A 72 5.48 -15.83 -2.85
CA THR A 72 5.87 -14.48 -3.31
C THR A 72 7.24 -14.09 -2.75
N LYS A 73 7.42 -14.28 -1.43
CA LYS A 73 8.65 -13.93 -0.67
C LYS A 73 9.87 -14.68 -1.21
N GLN A 74 9.69 -15.92 -1.66
CA GLN A 74 10.79 -16.75 -2.25
C GLN A 74 11.27 -16.08 -3.54
N LEU A 75 10.37 -15.52 -4.35
CA LEU A 75 10.77 -14.87 -5.64
C LEU A 75 11.14 -13.40 -5.44
N PHE A 76 10.59 -12.73 -4.43
CA PHE A 76 10.78 -11.29 -4.19
C PHE A 76 11.19 -11.10 -2.73
N PRO A 77 12.40 -11.56 -2.34
CA PRO A 77 12.78 -11.58 -0.92
C PRO A 77 12.81 -10.19 -0.27
N ASN A 78 12.85 -9.12 -1.05
CA ASN A 78 12.94 -7.76 -0.44
C ASN A 78 11.58 -7.06 -0.48
N THR A 79 10.50 -7.81 -0.64
CA THR A 79 9.13 -7.27 -0.50
C THR A 79 8.64 -7.65 0.89
N ASP A 80 8.11 -6.73 1.69
CA ASP A 80 7.65 -7.09 3.05
C ASP A 80 6.24 -7.69 3.02
N ASP A 81 5.98 -8.54 4.01
CA ASP A 81 4.74 -9.30 4.27
C ASP A 81 3.51 -8.40 4.07
N VAL A 82 3.51 -7.21 4.64
CA VAL A 82 2.30 -6.32 4.67
C VAL A 82 2.04 -5.74 3.27
N SER A 83 3.08 -5.41 2.52
CA SER A 83 2.95 -5.01 1.10
C SER A 83 2.30 -6.14 0.30
N ILE A 84 2.73 -7.37 0.55
CA ILE A 84 2.20 -8.54 -0.21
C ILE A 84 0.71 -8.66 0.10
N ARG A 85 0.32 -8.44 1.34
CA ARG A 85 -1.10 -8.49 1.80
C ARG A 85 -1.90 -7.43 1.03
N ARG A 86 -1.36 -6.21 0.89
CA ARG A 86 -2.03 -5.12 0.16
C ARG A 86 -2.17 -5.52 -1.32
N MET A 87 -1.15 -6.16 -1.90
CA MET A 87 -1.14 -6.59 -3.31
C MET A 87 -2.20 -7.69 -3.53
N ILE A 88 -2.40 -8.58 -2.56
CA ILE A 88 -3.44 -9.64 -2.64
C ILE A 88 -4.79 -8.92 -2.62
N GLY A 89 -4.94 -7.98 -1.69
CA GLY A 89 -6.11 -7.08 -1.61
C GLY A 89 -6.35 -6.35 -2.93
N GLN A 90 -5.32 -5.76 -3.55
CA GLN A 90 -5.47 -4.99 -4.82
C GLN A 90 -6.07 -5.94 -5.89
N LYS A 91 -5.59 -7.18 -5.97
CA LYS A 91 -6.01 -8.12 -7.05
C LYS A 91 -7.47 -8.54 -6.81
N LEU A 92 -7.88 -8.76 -5.55
CA LEU A 92 -9.29 -9.09 -5.24
C LEU A 92 -10.15 -7.90 -5.69
N ASN A 93 -9.71 -6.67 -5.41
CA ASN A 93 -10.40 -5.42 -5.79
C ASN A 93 -10.50 -5.31 -7.31
N ASN A 94 -9.42 -5.69 -7.99
CA ASN A 94 -9.32 -5.73 -9.47
C ASN A 94 -10.43 -6.61 -10.06
N CYS A 95 -11.02 -7.53 -9.31
CA CYS A 95 -12.02 -8.49 -9.87
C CYS A 95 -13.46 -8.03 -9.61
N THR A 96 -13.68 -6.89 -8.95
CA THR A 96 -15.03 -6.44 -8.48
C THR A 96 -15.80 -5.77 -9.63
N PHE B 6 14.45 23.09 -2.87
CA PHE B 6 13.96 22.35 -1.67
C PHE B 6 14.70 21.02 -1.57
N GLN B 7 15.34 20.82 -0.42
CA GLN B 7 16.39 19.82 -0.17
C GLN B 7 16.24 19.41 1.30
N ILE B 8 16.03 18.13 1.57
CA ILE B 8 15.95 17.61 2.96
C ILE B 8 17.38 17.37 3.39
N GLU B 9 17.77 17.79 4.58
CA GLU B 9 19.17 17.66 5.06
C GLU B 9 19.31 16.52 6.04
N LYS B 10 20.53 16.04 6.20
CA LYS B 10 20.85 14.94 7.13
C LYS B 10 20.36 15.26 8.54
N TRP B 11 20.42 16.50 9.00
CA TRP B 11 19.97 16.77 10.40
C TRP B 11 18.47 16.49 10.58
N GLN B 12 17.66 16.71 9.53
CA GLN B 12 16.20 16.34 9.53
C GLN B 12 16.08 14.81 9.50
N ILE B 13 16.91 14.14 8.71
CA ILE B 13 16.89 12.67 8.53
C ILE B 13 17.33 11.99 9.83
N ALA B 14 18.20 12.63 10.63
CA ALA B 14 18.79 12.06 11.88
C ALA B 14 17.70 11.83 12.93
N ARG B 15 16.62 12.59 12.86
CA ARG B 15 15.57 12.66 13.92
C ARG B 15 14.51 11.58 13.68
N CYS B 16 14.61 10.83 12.58
CA CYS B 16 13.50 9.98 12.05
C CYS B 16 13.80 8.49 12.29
N ASN B 17 12.81 7.76 12.79
CA ASN B 17 12.86 6.29 12.97
C ASN B 17 13.38 5.65 11.69
N LYS B 18 14.40 4.79 11.77
CA LYS B 18 15.02 4.11 10.60
C LYS B 18 14.60 2.64 10.55
N SER B 19 13.86 2.14 11.52
CA SER B 19 13.50 0.69 11.58
C SER B 19 12.55 0.38 10.43
N LYS B 20 11.61 1.27 10.12
CA LYS B 20 10.55 0.99 9.13
C LYS B 20 10.16 2.24 8.34
N PRO B 21 9.91 2.04 7.03
CA PRO B 21 9.60 3.13 6.10
C PRO B 21 8.42 3.99 6.56
N GLN B 22 7.30 3.36 6.93
CA GLN B 22 6.11 4.12 7.37
C GLN B 22 6.48 4.95 8.60
N LYS B 23 7.27 4.38 9.51
CA LYS B 23 7.72 5.09 10.73
C LYS B 23 8.63 6.24 10.33
N PHE B 24 9.53 6.02 9.38
CA PHE B 24 10.43 7.09 8.90
C PHE B 24 9.59 8.23 8.34
N ILE B 25 8.63 7.91 7.48
CA ILE B 25 7.69 8.88 6.84
C ILE B 25 6.90 9.65 7.90
N ASN B 26 6.33 8.97 8.90
CA ASN B 26 5.55 9.62 9.99
C ASN B 26 6.46 10.68 10.65
N ASP B 27 7.72 10.32 10.96
CA ASP B 27 8.67 11.22 11.65
C ASP B 27 9.06 12.39 10.72
N LEU B 28 9.46 12.09 9.50
CA LEU B 28 9.94 13.12 8.53
C LEU B 28 8.80 14.12 8.25
N MET B 29 7.60 13.67 7.92
CA MET B 29 6.43 14.58 7.69
C MET B 29 6.25 15.48 8.93
N GLN B 30 6.44 14.96 10.15
CA GLN B 30 6.28 15.72 11.42
C GLN B 30 7.38 16.78 11.54
N VAL B 31 8.60 16.47 11.11
CA VAL B 31 9.73 17.45 11.07
C VAL B 31 9.42 18.56 10.05
N LEU B 32 8.89 18.23 8.88
CA LEU B 32 8.73 19.19 7.75
C LEU B 32 7.49 20.04 7.89
N TYR B 33 6.40 19.48 8.43
CA TYR B 33 5.04 20.03 8.24
C TYR B 33 4.35 20.15 9.60
N THR B 34 3.50 21.18 9.73
CA THR B 34 2.55 21.34 10.86
C THR B 34 1.42 20.31 10.69
N ASN B 35 0.82 19.94 11.80
CA ASN B 35 -0.36 19.06 11.84
C ASN B 35 -1.51 19.65 10.99
N GLU B 36 -1.74 20.95 11.10
CA GLU B 36 -2.83 21.64 10.36
C GLU B 36 -2.57 21.52 8.86
N TYR B 37 -1.32 21.71 8.42
CA TYR B 37 -0.95 21.61 7.00
C TYR B 37 -1.25 20.18 6.50
N MET B 38 -0.85 19.16 7.25
CA MET B 38 -0.99 17.73 6.83
C MET B 38 -2.47 17.32 6.85
N ALA B 39 -3.29 17.94 7.71
CA ALA B 39 -4.73 17.64 7.86
C ALA B 39 -5.54 18.26 6.73
N THR B 40 -4.96 19.24 6.01
CA THR B 40 -5.69 20.06 5.00
C THR B 40 -5.09 19.86 3.61
N HIS B 41 -4.11 18.98 3.46
CA HIS B 41 -3.52 18.66 2.14
C HIS B 41 -3.55 17.14 1.92
N SER B 42 -3.56 16.74 0.66
CA SER B 42 -3.41 15.33 0.20
C SER B 42 -2.14 15.24 -0.63
N LEU B 43 -1.70 14.02 -0.92
CA LEU B 43 -0.52 13.80 -1.78
C LEU B 43 -0.70 14.51 -3.13
N THR B 44 -1.87 14.35 -3.79
CA THR B 44 -2.06 14.68 -5.22
C THR B 44 -3.09 15.79 -5.42
N GLY B 45 -3.90 16.12 -4.42
CA GLY B 45 -5.00 17.07 -4.59
C GLY B 45 -6.20 16.50 -5.32
N ALA B 46 -6.27 15.19 -5.52
CA ALA B 46 -7.44 14.56 -6.19
C ALA B 46 -8.62 14.45 -5.21
N LYS B 47 -9.83 14.52 -5.74
CA LYS B 47 -11.09 14.20 -5.04
C LYS B 47 -11.05 12.73 -4.63
N SER B 48 -11.48 12.39 -3.42
CA SER B 48 -11.68 10.98 -2.97
C SER B 48 -12.92 10.43 -3.67
N SER B 49 -12.81 9.22 -4.22
CA SER B 49 -13.94 8.42 -4.76
C SER B 49 -15.17 8.43 -3.82
N THR B 50 -15.02 8.60 -2.51
CA THR B 50 -16.14 8.53 -1.54
C THR B 50 -16.49 9.88 -0.92
N SER B 51 -15.91 10.98 -1.37
CA SER B 51 -16.27 12.35 -0.88
C SER B 51 -17.19 12.96 -1.92
N ARG B 52 -18.45 13.20 -1.56
CA ARG B 52 -19.47 13.78 -2.46
C ARG B 52 -19.73 15.24 -2.06
N ASP B 53 -19.52 16.16 -2.99
CA ASP B 53 -19.86 17.59 -2.84
C ASP B 53 -19.22 18.12 -1.56
N LYS B 54 -17.93 17.82 -1.36
CA LYS B 54 -17.13 18.36 -0.23
C LYS B 54 -15.89 19.08 -0.78
N ALA B 55 -15.31 19.97 0.03
CA ALA B 55 -14.01 20.64 -0.26
C ALA B 55 -13.00 19.56 -0.66
N VAL B 56 -12.23 19.85 -1.70
CA VAL B 56 -11.12 18.97 -2.12
C VAL B 56 -9.85 19.57 -1.56
N LYS B 57 -9.10 18.78 -0.77
CA LYS B 57 -7.82 19.22 -0.16
C LYS B 57 -6.82 19.47 -1.29
N PRO B 58 -6.11 20.60 -1.23
CA PRO B 58 -5.05 20.88 -2.20
C PRO B 58 -3.88 19.88 -2.04
N ALA B 59 -3.14 19.67 -3.14
CA ALA B 59 -1.95 18.79 -3.25
C ALA B 59 -0.76 19.36 -2.47
N MET B 60 0.11 18.48 -2.00
CA MET B 60 1.44 18.87 -1.51
C MET B 60 2.21 19.46 -2.69
N ASN B 61 3.30 20.18 -2.39
CA ASN B 61 4.29 20.65 -3.40
C ASN B 61 4.98 19.40 -3.98
N GLN B 62 4.89 19.18 -5.29
CA GLN B 62 5.39 17.91 -5.92
C GLN B 62 6.93 17.86 -5.86
N ASN B 63 7.61 19.01 -5.76
CA ASN B 63 9.08 19.04 -5.51
C ASN B 63 9.35 18.47 -4.12
N GLU B 64 8.52 18.81 -3.11
CA GLU B 64 8.75 18.30 -1.73
C GLU B 64 8.42 16.81 -1.69
N VAL B 65 7.34 16.40 -2.36
CA VAL B 65 6.98 14.96 -2.45
C VAL B 65 8.18 14.15 -2.98
N GLN B 66 8.75 14.60 -4.10
CA GLN B 66 9.80 13.82 -4.82
C GLN B 66 11.09 13.82 -3.99
N GLU B 67 11.35 14.86 -3.21
CA GLU B 67 12.52 14.89 -2.28
C GLU B 67 12.25 13.89 -1.14
N ILE B 68 11.03 13.88 -0.60
CA ILE B 68 10.61 12.93 0.45
C ILE B 68 10.82 11.52 -0.07
N ILE B 69 10.42 11.25 -1.32
CA ILE B 69 10.53 9.88 -1.89
C ILE B 69 12.02 9.52 -2.05
N GLY B 70 12.83 10.41 -2.61
CA GLY B 70 14.27 10.15 -2.84
C GLY B 70 15.00 9.85 -1.52
N VAL B 71 14.75 10.63 -0.48
CA VAL B 71 15.41 10.43 0.85
C VAL B 71 14.98 9.07 1.40
N THR B 72 13.69 8.78 1.28
CA THR B 72 13.16 7.50 1.83
C THR B 72 13.79 6.34 1.08
N LYS B 73 13.83 6.41 -0.27
CA LYS B 73 14.39 5.36 -1.17
C LYS B 73 15.85 5.13 -0.81
N GLN B 74 16.60 6.19 -0.49
CA GLN B 74 18.03 6.10 -0.09
C GLN B 74 18.16 5.28 1.19
N LEU B 75 17.30 5.47 2.19
CA LEU B 75 17.37 4.71 3.46
C LEU B 75 16.67 3.35 3.36
N PHE B 76 15.81 3.14 2.37
CA PHE B 76 14.98 1.91 2.27
C PHE B 76 14.97 1.46 0.81
N PRO B 77 16.11 0.95 0.29
CA PRO B 77 16.23 0.61 -1.12
C PRO B 77 15.21 -0.45 -1.59
N ASN B 78 14.66 -1.24 -0.67
CA ASN B 78 13.72 -2.35 -1.00
C ASN B 78 12.27 -1.88 -0.98
N THR B 79 12.00 -0.62 -0.66
CA THR B 79 10.67 -0.01 -0.84
C THR B 79 10.67 0.64 -2.22
N ASP B 80 9.52 0.84 -2.83
CA ASP B 80 9.44 1.43 -4.18
C ASP B 80 8.53 2.64 -4.12
N ASP B 81 8.47 3.35 -5.25
CA ASP B 81 7.76 4.62 -5.50
C ASP B 81 6.31 4.51 -4.99
N VAL B 82 5.61 3.48 -5.44
CA VAL B 82 4.15 3.32 -5.22
C VAL B 82 3.90 3.16 -3.72
N SER B 83 4.73 2.37 -3.03
CA SER B 83 4.63 2.17 -1.56
C SER B 83 4.86 3.48 -0.80
N ILE B 84 5.89 4.25 -1.15
CA ILE B 84 6.26 5.47 -0.37
C ILE B 84 5.15 6.52 -0.50
N ARG B 85 4.61 6.63 -1.71
CA ARG B 85 3.45 7.49 -2.02
C ARG B 85 2.29 7.12 -1.09
N ARG B 86 1.95 5.84 -0.98
CA ARG B 86 0.83 5.38 -0.12
C ARG B 86 1.12 5.73 1.35
N MET B 87 2.38 5.67 1.73
CA MET B 87 2.82 5.89 3.12
C MET B 87 2.66 7.37 3.47
N ILE B 88 3.01 8.25 2.54
CA ILE B 88 2.84 9.71 2.73
C ILE B 88 1.34 9.97 2.88
N GLY B 89 0.52 9.36 2.01
CA GLY B 89 -0.95 9.48 2.07
C GLY B 89 -1.50 9.01 3.41
N GLN B 90 -0.94 7.92 3.93
CA GLN B 90 -1.33 7.28 5.23
C GLN B 90 -1.09 8.26 6.38
N LYS B 91 0.10 8.88 6.42
CA LYS B 91 0.41 9.90 7.43
C LYS B 91 -0.59 11.08 7.32
N LEU B 92 -0.80 11.61 6.11
CA LEU B 92 -1.73 12.75 5.85
C LEU B 92 -3.14 12.39 6.32
N ASN B 93 -3.59 11.17 6.03
CA ASN B 93 -4.93 10.68 6.40
C ASN B 93 -5.11 10.60 7.93
N ASN B 94 -4.05 10.42 8.69
CA ASN B 94 -4.11 10.28 10.17
C ASN B 94 -3.86 11.61 10.88
N CYS B 95 -3.96 12.73 10.18
CA CYS B 95 -3.84 14.05 10.84
C CYS B 95 -5.22 14.73 10.83
N THR B 96 -5.64 15.26 11.96
CA THR B 96 -6.99 15.90 12.12
C THR B 96 -6.79 17.37 12.48
N LYS B 97 -7.65 18.24 11.95
CA LYS B 97 -7.56 19.73 12.04
C LYS B 97 -7.60 20.21 13.49
N1 5CM C 7 -9.87 7.34 2.82
C2 5CM C 7 -10.15 5.96 2.84
N3 5CM C 7 -9.15 5.02 2.80
C4 5CM C 7 -7.88 5.43 2.76
C5 5CM C 7 -7.56 6.86 2.73
C5A 5CM C 7 -6.12 7.34 2.72
C6 5CM C 7 -8.61 7.80 2.79
O2 5CM C 7 -11.33 5.59 2.89
N4 5CM C 7 -6.91 4.51 2.75
C1' 5CM C 7 -11.01 8.25 2.79
C2' 5CM C 7 -11.49 8.75 4.16
C3' 5CM C 7 -11.53 10.25 4.03
C4' 5CM C 7 -11.44 10.41 2.54
O4' 5CM C 7 -10.57 9.38 2.09
O3' 5CM C 7 -12.76 10.72 4.59
C5' 5CM C 7 -11.05 11.75 1.98
O5' 5CM C 7 -9.74 12.08 2.32
P 5CM C 7 -9.09 13.36 1.57
OP1 5CM C 7 -9.93 14.63 1.54
OP2 5CM C 7 -7.79 13.37 2.28
N1 5CM D 7 -13.27 1.10 -0.84
C2 5CM D 7 -12.62 2.31 -0.61
N3 5CM D 7 -11.29 2.40 -0.61
C4 5CM D 7 -10.57 1.33 -0.78
C5 5CM D 7 -11.25 0.02 -0.99
C5A 5CM D 7 -10.48 -1.21 -1.21
C6 5CM D 7 -12.61 -0.01 -0.98
O2 5CM D 7 -13.28 3.29 -0.44
N4 5CM D 7 -9.30 1.45 -0.78
C1' 5CM D 7 -14.70 1.10 -0.77
C2' 5CM D 7 -15.46 0.47 -1.91
C3' 5CM D 7 -16.69 -0.07 -1.22
C4' 5CM D 7 -16.24 -0.25 0.23
O4' 5CM D 7 -15.06 0.49 0.43
O3' 5CM D 7 -17.76 0.87 -1.25
C5' 5CM D 7 -16.02 -1.67 0.66
O5' 5CM D 7 -15.45 -2.60 -0.25
P 5CM D 7 -15.33 -4.12 0.10
OP1 5CM D 7 -16.57 -4.76 0.25
OP2 5CM D 7 -14.45 -4.61 -0.87
#